data_8P1G
#
_entry.id   8P1G
#
_cell.length_a   82.542
_cell.length_b   82.542
_cell.length_c   101.073
_cell.angle_alpha   90.00
_cell.angle_beta   90.00
_cell.angle_gamma   120.00
#
_symmetry.space_group_name_H-M   'P 32 2 1'
#
loop_
_entity.id
_entity.type
_entity.pdbx_description
1 polymer 'Carbohydrate esterase family 16 protein'
2 branched 2-acetamido-2-deoxy-beta-D-glucopyranose-(1-4)-2-acetamido-2-deoxy-beta-D-glucopyranose
3 branched alpha-D-mannopyranose-(1-3)-alpha-D-mannopyranose-(1-6)-[alpha-D-mannopyranose-(1-3)]beta-D-mannopyranose-(1-4)-2-acetamido-2-deoxy-beta-D-glucopyranose-(1-4)-2-acetamido-2-deoxy-beta-D-glucopyranose
4 non-polymer 2-[3-(2-HYDROXY-1,1-DIHYDROXYMETHYL-ETHYLAMINO)-PROPYLAMINO]-2-HYDROXYMETHYL-PROPANE-1,3-DIOL
5 non-polymer DI(HYDROXYETHYL)ETHER
6 non-polymer 'ACETATE ION'
7 non-polymer 1,2-ETHANEDIOL
8 non-polymer 2-acetamido-2-deoxy-beta-D-glucopyranose
9 non-polymer 'TETRAETHYLENE GLYCOL'
10 water water
#
_entity_poly.entity_id   1
_entity_poly.type   'polypeptide(L)'
_entity_poly.pdbx_seq_one_letter_code
;SIKSHKDHNFETLVTFGDAYTDNGRLGYYINHGGKAPRPGTMHDETTTTASGGLSWAQFAARDAGATLMDYAVSGAVCSN
QIVSRYFDLINRTFPAILDDEIPSFQADVLFKSLYPHRTAENTVYAVWIGTNDLGWGAFLSDSQTPGKTISDFVSCVFSV
LDHVYKTGGRRFVILNTVPLELAPLYALPENGGTLDSQYWNTKTKYNMTEYGQKIREYSTSVNTMLENGALVMASLKKRW
PKAMVDVFDVHSLFNDIYNAPTKYLDAPHNVNSYYHQCGPAGSPCTDQPGSLNGYMWYDELHPSNKTSSIVARNFLDVVA
GKSKYGTRFHRLEQKLISEEDLNSAVDHHHHHH
;
_entity_poly.pdbx_strand_id   B
#
# COMPACT_ATOMS: atom_id res chain seq x y z
N HIS A 8 4.16 2.12 23.21
CA HIS A 8 3.50 1.31 22.13
C HIS A 8 3.33 -0.13 22.60
N ASN A 9 2.18 -0.72 22.29
CA ASN A 9 1.79 -2.02 22.89
C ASN A 9 2.03 -3.14 21.88
N PHE A 10 3.05 -3.00 21.01
CA PHE A 10 3.46 -4.12 20.13
C PHE A 10 4.98 -4.12 19.98
N GLU A 11 5.52 -5.32 19.75
CA GLU A 11 6.95 -5.60 19.62
C GLU A 11 7.29 -5.86 18.15
N THR A 12 6.32 -6.31 17.36
CA THR A 12 6.57 -6.74 15.96
C THR A 12 5.45 -6.20 15.08
N LEU A 13 5.84 -5.60 13.95
CA LEU A 13 4.87 -5.10 12.93
C LEU A 13 5.11 -5.89 11.66
N VAL A 14 4.09 -6.59 11.21
CA VAL A 14 4.15 -7.42 9.99
C VAL A 14 3.29 -6.70 8.94
N THR A 15 3.84 -6.44 7.77
CA THR A 15 3.11 -5.62 6.75
C THR A 15 3.04 -6.37 5.42
N PHE A 16 1.91 -6.20 4.74
CA PHE A 16 1.63 -6.72 3.39
C PHE A 16 1.18 -5.54 2.52
N GLY A 17 1.60 -5.58 1.26
CA GLY A 17 1.30 -4.45 0.36
C GLY A 17 2.21 -4.35 -0.84
N ASP A 18 2.37 -3.12 -1.31
CA ASP A 18 2.99 -2.78 -2.60
C ASP A 18 4.12 -1.78 -2.35
N ALA A 19 4.47 -0.94 -3.33
CA ALA A 19 5.62 -0.01 -3.20
C ALA A 19 5.39 1.01 -2.10
N TYR A 20 4.13 1.31 -1.74
CA TYR A 20 3.90 2.28 -0.64
C TYR A 20 4.54 1.75 0.65
N THR A 21 4.68 0.43 0.76
CA THR A 21 5.16 -0.24 2.00
C THR A 21 6.56 -0.86 1.83
N ASP A 22 6.88 -1.39 0.64
CA ASP A 22 8.11 -2.15 0.32
C ASP A 22 9.35 -1.46 0.89
N ASN A 23 10.16 -2.21 1.64
CA ASN A 23 11.44 -1.73 2.21
C ASN A 23 12.59 -2.58 1.67
N GLY A 24 12.46 -3.19 0.49
CA GLY A 24 13.57 -3.86 -0.20
C GLY A 24 13.18 -5.20 -0.84
N ARG A 25 11.95 -5.66 -0.71
CA ARG A 25 11.68 -7.06 -1.13
C ARG A 25 11.62 -7.21 -2.65
N LEU A 26 11.05 -6.26 -3.43
CA LEU A 26 11.17 -6.39 -4.89
C LEU A 26 12.65 -6.46 -5.28
N GLY A 27 13.49 -5.62 -4.68
CA GLY A 27 14.94 -5.67 -4.98
C GLY A 27 15.51 -7.06 -4.79
N TYR A 28 15.08 -7.78 -3.77
CA TYR A 28 15.53 -9.18 -3.56
C TYR A 28 15.14 -10.03 -4.77
N TYR A 29 13.87 -9.95 -5.19
CA TYR A 29 13.39 -10.72 -6.36
C TYR A 29 14.24 -10.39 -7.60
N ILE A 30 14.52 -9.11 -7.86
CA ILE A 30 15.31 -8.71 -9.06
C ILE A 30 16.70 -9.35 -8.97
N ASN A 31 17.31 -9.33 -7.80
CA ASN A 31 18.70 -9.82 -7.60
C ASN A 31 18.76 -11.34 -7.51
N HIS A 32 17.63 -12.04 -7.51
CA HIS A 32 17.56 -13.50 -7.43
C HIS A 32 16.73 -14.11 -8.55
N GLY A 33 16.65 -13.47 -9.71
CA GLY A 33 16.08 -14.09 -10.93
C GLY A 33 14.60 -14.36 -10.77
N GLY A 34 13.93 -13.59 -9.93
CA GLY A 34 12.47 -13.72 -9.70
C GLY A 34 12.08 -14.68 -8.59
N LYS A 35 13.04 -15.13 -7.79
CA LYS A 35 12.79 -16.01 -6.63
C LYS A 35 12.61 -15.16 -5.39
N ALA A 36 11.64 -15.56 -4.55
CA ALA A 36 11.45 -15.02 -3.20
C ALA A 36 12.62 -15.41 -2.31
N PRO A 37 12.85 -14.67 -1.23
CA PRO A 37 13.78 -15.10 -0.20
C PRO A 37 13.45 -16.55 0.19
N ARG A 38 14.50 -17.34 0.41
CA ARG A 38 14.34 -18.69 0.98
C ARG A 38 13.57 -18.57 2.29
N PRO A 39 12.57 -19.43 2.56
CA PRO A 39 11.91 -19.44 3.87
C PRO A 39 12.93 -19.49 5.00
N GLY A 40 12.69 -18.71 6.05
CA GLY A 40 13.59 -18.53 7.19
C GLY A 40 14.60 -17.46 6.95
N THR A 41 14.49 -16.74 5.83
CA THR A 41 15.33 -15.56 5.55
C THR A 41 14.40 -14.42 5.16
N MET A 42 14.86 -13.21 5.43
CA MET A 42 14.21 -11.97 4.91
C MET A 42 15.17 -11.30 3.95
N HIS A 43 14.61 -10.49 3.05
CA HIS A 43 15.38 -9.59 2.16
C HIS A 43 16.16 -8.58 3.01
N ASP A 44 17.19 -8.01 2.41
CA ASP A 44 17.94 -6.89 3.00
C ASP A 44 17.08 -5.63 2.95
N GLU A 45 17.03 -4.90 4.04
CA GLU A 45 16.27 -3.63 4.18
C GLU A 45 17.03 -2.48 3.54
N THR A 46 16.32 -1.66 2.80
CA THR A 46 16.87 -0.38 2.30
C THR A 46 16.17 0.79 2.97
N THR A 47 16.87 1.91 3.15
CA THR A 47 16.32 3.14 3.73
C THR A 47 15.93 4.10 2.60
N THR A 48 16.10 3.70 1.35
CA THR A 48 15.63 4.49 0.18
C THR A 48 14.57 3.66 -0.56
N THR A 49 13.31 3.93 -0.25
CA THR A 49 12.17 3.20 -0.86
C THR A 49 11.56 4.02 -1.97
N ALA A 50 10.39 3.63 -2.48
CA ALA A 50 9.67 4.39 -3.52
C ALA A 50 9.30 5.80 -3.04
N SER A 51 9.35 6.08 -1.73
CA SER A 51 8.99 7.41 -1.16
C SER A 51 10.13 8.41 -1.33
N GLY A 52 11.32 7.92 -1.71
CA GLY A 52 12.56 8.71 -1.68
C GLY A 52 13.30 8.56 -0.36
N GLY A 53 12.70 7.88 0.62
CA GLY A 53 13.28 7.62 1.94
C GLY A 53 12.58 6.45 2.57
N LEU A 54 12.30 6.54 3.85
CA LEU A 54 11.64 5.42 4.58
C LEU A 54 10.19 5.30 4.09
N SER A 55 9.67 4.09 4.11
CA SER A 55 8.22 3.89 3.92
C SER A 55 7.48 4.12 5.24
N TRP A 56 6.17 4.24 5.21
CA TRP A 56 5.38 4.46 6.46
C TRP A 56 5.70 3.34 7.47
N ALA A 57 5.89 2.10 7.01
CA ALA A 57 6.03 0.94 7.93
C ALA A 57 7.34 1.09 8.70
N GLN A 58 8.37 1.57 8.03
CA GLN A 58 9.69 1.82 8.68
C GLN A 58 9.55 2.94 9.72
N PHE A 59 8.92 4.05 9.37
CA PHE A 59 8.67 5.14 10.35
C PHE A 59 7.90 4.58 11.56
N ALA A 60 6.85 3.82 11.30
CA ALA A 60 5.96 3.32 12.38
C ALA A 60 6.76 2.38 13.30
N ALA A 61 7.51 1.45 12.74
CA ALA A 61 8.28 0.43 13.53
C ALA A 61 9.34 1.17 14.34
N ARG A 62 10.02 2.15 13.73
CA ARG A 62 11.13 2.89 14.38
C ARG A 62 10.57 3.67 15.57
N ASP A 63 9.42 4.34 15.45
CA ASP A 63 8.84 5.15 16.55
C ASP A 63 8.28 4.24 17.64
N ALA A 64 7.78 3.05 17.30
CA ALA A 64 7.19 2.09 18.26
C ALA A 64 8.29 1.26 18.95
N GLY A 65 9.53 1.32 18.47
CA GLY A 65 10.64 0.43 18.88
C GLY A 65 10.34 -1.03 18.56
N ALA A 66 9.68 -1.28 17.42
CA ALA A 66 9.24 -2.63 17.01
C ALA A 66 10.13 -3.17 15.88
N THR A 67 10.21 -4.49 15.78
CA THR A 67 10.80 -5.22 14.64
C THR A 67 9.82 -5.16 13.46
N LEU A 68 10.28 -4.73 12.29
CA LEU A 68 9.45 -4.70 11.06
C LEU A 68 9.75 -5.94 10.23
N MET A 69 8.71 -6.70 9.92
CA MET A 69 8.76 -7.82 8.96
C MET A 69 7.90 -7.40 7.75
N ASP A 70 8.56 -6.86 6.75
CA ASP A 70 7.84 -6.13 5.66
C ASP A 70 7.81 -7.00 4.42
N TYR A 71 6.70 -7.70 4.20
CA TYR A 71 6.48 -8.61 3.06
C TYR A 71 5.97 -7.88 1.83
N ALA A 72 5.74 -6.57 1.91
CA ALA A 72 5.25 -5.79 0.75
C ALA A 72 6.25 -5.89 -0.39
N VAL A 73 5.77 -5.91 -1.61
CA VAL A 73 6.60 -6.02 -2.82
C VAL A 73 6.14 -4.91 -3.76
N SER A 74 7.04 -4.04 -4.17
CA SER A 74 6.71 -3.00 -5.17
C SER A 74 6.07 -3.64 -6.39
N GLY A 75 4.97 -3.04 -6.87
CA GLY A 75 4.24 -3.56 -8.02
C GLY A 75 3.09 -4.50 -7.66
N ALA A 76 2.96 -4.88 -6.39
CA ALA A 76 2.05 -5.96 -6.00
C ALA A 76 0.57 -5.58 -6.15
N VAL A 77 -0.21 -6.63 -6.40
CA VAL A 77 -1.69 -6.63 -6.30
C VAL A 77 -2.06 -7.62 -5.19
N CYS A 78 -3.35 -7.68 -4.83
CA CYS A 78 -3.80 -8.56 -3.75
C CYS A 78 -3.72 -10.02 -4.20
N SER A 79 -4.20 -10.32 -5.39
CA SER A 79 -4.24 -11.71 -5.92
C SER A 79 -4.00 -11.73 -7.41
N ASN A 80 -2.98 -12.47 -7.84
CA ASN A 80 -2.72 -12.61 -9.28
C ASN A 80 -3.77 -13.45 -9.98
N GLN A 81 -4.64 -14.13 -9.24
CA GLN A 81 -5.76 -14.88 -9.84
C GLN A 81 -6.87 -13.91 -10.24
N ILE A 82 -6.89 -12.71 -9.65
N ILE A 82 -6.89 -12.71 -9.67
CA ILE A 82 -7.87 -11.62 -9.96
CA ILE A 82 -7.89 -11.66 -10.02
C ILE A 82 -7.34 -10.77 -11.10
C ILE A 82 -7.32 -10.79 -11.15
N VAL A 83 -6.09 -10.30 -10.98
CA VAL A 83 -5.45 -9.43 -12.00
C VAL A 83 -3.95 -9.54 -11.78
N SER A 84 -3.19 -9.41 -12.85
CA SER A 84 -1.72 -9.53 -12.73
C SER A 84 -1.06 -8.70 -13.82
N ARG A 85 0.20 -8.38 -13.57
CA ARG A 85 1.04 -7.63 -14.52
C ARG A 85 2.39 -8.31 -14.60
N TYR A 86 2.91 -8.42 -15.82
CA TYR A 86 4.24 -9.01 -16.06
C TYR A 86 5.34 -7.99 -15.79
N PHE A 87 6.40 -8.44 -15.11
CA PHE A 87 7.61 -7.62 -14.83
C PHE A 87 8.80 -8.25 -15.57
N ASP A 88 9.22 -7.63 -16.68
CA ASP A 88 10.34 -8.12 -17.53
C ASP A 88 11.59 -8.44 -16.71
N LEU A 89 11.95 -7.64 -15.70
CA LEU A 89 13.27 -7.79 -15.01
C LEU A 89 13.32 -9.13 -14.24
N ILE A 90 12.17 -9.73 -13.86
CA ILE A 90 12.17 -11.03 -13.13
C ILE A 90 11.53 -12.15 -13.95
N ASN A 91 11.14 -11.86 -15.20
CA ASN A 91 10.51 -12.84 -16.10
C ASN A 91 9.35 -13.57 -15.42
N ARG A 92 8.50 -12.82 -14.74
CA ARG A 92 7.24 -13.36 -14.17
C ARG A 92 6.37 -12.17 -13.77
N THR A 93 5.15 -12.46 -13.30
CA THR A 93 4.26 -11.41 -12.78
C THR A 93 4.92 -10.70 -11.60
N PHE A 94 4.60 -9.44 -11.37
CA PHE A 94 4.87 -8.83 -10.07
C PHE A 94 4.27 -9.73 -8.99
N PRO A 95 4.99 -10.00 -7.91
CA PRO A 95 4.45 -10.75 -6.77
C PRO A 95 3.16 -10.14 -6.23
N ALA A 96 2.27 -11.00 -5.76
CA ALA A 96 0.97 -10.57 -5.18
C ALA A 96 0.90 -11.01 -3.72
N ILE A 97 -0.05 -10.44 -2.96
CA ILE A 97 -0.14 -10.79 -1.54
C ILE A 97 -0.51 -12.26 -1.38
N LEU A 98 -1.63 -12.72 -1.94
CA LEU A 98 -2.05 -14.12 -1.65
C LEU A 98 -1.06 -15.11 -2.29
N ASP A 99 -0.53 -14.80 -3.46
CA ASP A 99 0.25 -15.79 -4.25
C ASP A 99 1.67 -15.90 -3.71
N ASP A 100 2.21 -14.83 -3.13
CA ASP A 100 3.67 -14.70 -2.90
C ASP A 100 3.95 -14.24 -1.47
N GLU A 101 3.40 -13.12 -1.03
CA GLU A 101 3.74 -12.53 0.27
C GLU A 101 3.23 -13.42 1.42
N ILE A 102 1.96 -13.82 1.38
CA ILE A 102 1.38 -14.67 2.44
C ILE A 102 2.11 -16.01 2.51
N PRO A 103 2.35 -16.74 1.40
CA PRO A 103 3.10 -18.01 1.49
C PRO A 103 4.48 -17.80 2.13
N SER A 104 5.17 -16.70 1.84
CA SER A 104 6.48 -16.40 2.47
C SER A 104 6.28 -16.29 3.98
N PHE A 105 5.28 -15.54 4.41
CA PHE A 105 4.98 -15.30 5.84
C PHE A 105 4.59 -16.62 6.54
N GLN A 106 3.77 -17.42 5.88
CA GLN A 106 3.30 -18.74 6.45
C GLN A 106 4.52 -19.63 6.74
N ALA A 107 5.52 -19.64 5.87
CA ALA A 107 6.72 -20.49 6.09
C ALA A 107 7.59 -19.85 7.17
N ASP A 108 7.77 -18.53 7.14
CA ASP A 108 8.68 -17.83 8.05
C ASP A 108 8.30 -18.00 9.51
N VAL A 109 7.02 -18.00 9.85
CA VAL A 109 6.60 -18.04 11.27
C VAL A 109 6.99 -19.38 11.92
N LEU A 110 7.37 -20.36 11.13
CA LEU A 110 7.84 -21.66 11.66
C LEU A 110 9.28 -21.55 12.18
N PHE A 111 9.97 -20.43 11.91
CA PHE A 111 11.40 -20.28 12.27
C PHE A 111 11.54 -19.35 13.46
N LYS A 112 12.01 -19.89 14.58
CA LYS A 112 12.25 -19.09 15.81
C LYS A 112 13.32 -18.03 15.55
N SER A 113 14.22 -18.24 14.60
CA SER A 113 15.33 -17.32 14.22
C SER A 113 14.76 -16.01 13.65
N LEU A 114 13.58 -16.07 13.01
CA LEU A 114 12.90 -14.87 12.44
C LEU A 114 11.84 -14.38 13.43
N TYR A 115 11.15 -15.30 14.11
CA TYR A 115 10.03 -14.97 15.01
C TYR A 115 10.30 -15.63 16.36
N PRO A 116 11.18 -15.04 17.20
CA PRO A 116 11.54 -15.69 18.47
C PRO A 116 10.39 -15.78 19.48
N HIS A 117 9.43 -14.86 19.45
CA HIS A 117 8.32 -14.82 20.44
C HIS A 117 7.11 -14.07 19.89
N ARG A 118 6.51 -14.59 18.82
CA ARG A 118 5.32 -13.97 18.16
C ARG A 118 4.06 -14.43 18.88
N THR A 119 3.34 -13.50 19.49
CA THR A 119 2.09 -13.78 20.20
C THR A 119 0.92 -13.02 19.57
N ALA A 120 -0.29 -13.45 19.90
CA ALA A 120 -1.53 -12.74 19.50
C ALA A 120 -1.49 -11.31 20.02
N GLU A 121 -0.89 -11.09 21.20
CA GLU A 121 -0.87 -9.78 21.87
C GLU A 121 0.23 -8.87 21.32
N ASN A 122 1.40 -9.38 20.92
CA ASN A 122 2.57 -8.50 20.76
C ASN A 122 2.88 -8.22 19.29
N THR A 123 2.06 -8.72 18.36
CA THR A 123 2.31 -8.55 16.90
C THR A 123 1.11 -7.89 16.24
N VAL A 124 1.36 -6.84 15.44
CA VAL A 124 0.30 -6.13 14.66
C VAL A 124 0.55 -6.45 13.19
N TYR A 125 -0.52 -6.77 12.47
CA TYR A 125 -0.47 -7.14 11.04
C TYR A 125 -1.22 -6.07 10.27
N ALA A 126 -0.58 -5.44 9.30
CA ALA A 126 -1.22 -4.38 8.48
C ALA A 126 -1.17 -4.76 7.01
N VAL A 127 -2.24 -4.44 6.28
N VAL A 127 -2.20 -4.30 6.31
CA VAL A 127 -2.31 -4.61 4.80
CA VAL A 127 -2.40 -4.53 4.86
C VAL A 127 -2.70 -3.27 4.15
C VAL A 127 -2.65 -3.16 4.23
N TRP A 128 -1.90 -2.86 3.18
CA TRP A 128 -2.13 -1.63 2.36
C TRP A 128 -2.00 -2.04 0.90
N ILE A 129 -3.10 -2.24 0.19
CA ILE A 129 -3.10 -2.79 -1.18
C ILE A 129 -4.26 -2.15 -1.95
N GLY A 130 -4.10 -2.02 -3.27
CA GLY A 130 -5.17 -1.52 -4.14
C GLY A 130 -4.70 -0.46 -5.11
N THR A 131 -3.63 0.27 -4.80
CA THR A 131 -3.11 1.30 -5.73
C THR A 131 -2.89 0.67 -7.10
N ASN A 132 -2.26 -0.51 -7.16
CA ASN A 132 -2.00 -1.16 -8.46
C ASN A 132 -3.27 -1.85 -8.95
N ASP A 133 -4.00 -2.55 -8.07
CA ASP A 133 -5.16 -3.35 -8.49
C ASP A 133 -6.17 -2.45 -9.20
N LEU A 134 -6.37 -1.23 -8.70
CA LEU A 134 -7.42 -0.34 -9.25
C LEU A 134 -6.90 0.51 -10.39
N GLY A 135 -5.62 0.42 -10.73
CA GLY A 135 -5.01 1.37 -11.65
C GLY A 135 -4.84 0.87 -13.05
N TRP A 136 -4.13 1.69 -13.82
CA TRP A 136 -3.82 1.42 -15.23
C TRP A 136 -3.12 0.08 -15.37
N GLY A 137 -3.52 -0.73 -16.34
CA GLY A 137 -2.95 -2.06 -16.58
C GLY A 137 -3.57 -3.13 -15.71
N ALA A 138 -4.51 -2.76 -14.84
CA ALA A 138 -5.25 -3.70 -13.96
C ALA A 138 -6.72 -3.38 -14.10
N PHE A 139 -7.45 -3.14 -13.00
CA PHE A 139 -8.92 -2.91 -13.16
C PHE A 139 -9.18 -1.67 -14.02
N LEU A 140 -8.34 -0.62 -13.99
CA LEU A 140 -8.73 0.64 -14.69
C LEU A 140 -8.78 0.44 -16.21
N SER A 141 -8.01 -0.49 -16.75
CA SER A 141 -8.02 -0.81 -18.18
C SER A 141 -8.77 -2.12 -18.41
N ASP A 142 -9.62 -2.58 -17.47
CA ASP A 142 -10.40 -3.84 -17.63
C ASP A 142 -9.46 -4.98 -18.07
N SER A 143 -8.30 -5.09 -17.42
CA SER A 143 -7.27 -6.11 -17.73
C SER A 143 -7.37 -7.31 -16.79
N GLN A 144 -8.27 -7.32 -15.83
CA GLN A 144 -8.44 -8.42 -14.86
C GLN A 144 -8.94 -9.69 -15.55
N THR A 145 -8.92 -10.78 -14.79
CA THR A 145 -9.57 -12.04 -15.18
C THR A 145 -11.00 -11.70 -15.57
N PRO A 146 -11.46 -12.04 -16.79
CA PRO A 146 -12.82 -11.69 -17.21
C PRO A 146 -13.90 -12.12 -16.20
N GLY A 147 -14.81 -11.20 -15.91
CA GLY A 147 -15.89 -11.46 -14.95
C GLY A 147 -15.57 -10.93 -13.55
N LYS A 148 -14.30 -10.81 -13.18
CA LYS A 148 -13.96 -10.32 -11.82
C LYS A 148 -14.28 -8.83 -11.74
N THR A 149 -14.66 -8.43 -10.55
CA THR A 149 -15.03 -7.02 -10.25
C THR A 149 -14.28 -6.52 -9.05
N ILE A 150 -14.37 -5.22 -8.78
CA ILE A 150 -13.68 -4.61 -7.60
C ILE A 150 -14.26 -5.16 -6.29
N SER A 151 -15.48 -5.70 -6.28
CA SER A 151 -15.99 -6.45 -5.10
C SER A 151 -15.09 -7.66 -4.80
N ASP A 152 -14.57 -8.31 -5.84
CA ASP A 152 -13.67 -9.49 -5.66
C ASP A 152 -12.34 -9.03 -5.09
N PHE A 153 -11.87 -7.82 -5.41
CA PHE A 153 -10.65 -7.27 -4.78
C PHE A 153 -10.88 -7.15 -3.29
N VAL A 154 -12.03 -6.60 -2.88
CA VAL A 154 -12.31 -6.40 -1.45
C VAL A 154 -12.34 -7.77 -0.75
N SER A 155 -12.97 -8.76 -1.34
CA SER A 155 -12.98 -10.12 -0.74
C SER A 155 -11.54 -10.60 -0.57
N CYS A 156 -10.67 -10.31 -1.52
CA CYS A 156 -9.24 -10.73 -1.45
C CYS A 156 -8.63 -10.15 -0.18
N VAL A 157 -8.86 -8.88 0.12
CA VAL A 157 -8.27 -8.26 1.33
C VAL A 157 -8.72 -9.08 2.56
N PHE A 158 -9.99 -9.44 2.67
CA PHE A 158 -10.44 -10.19 3.86
C PHE A 158 -9.79 -11.59 3.88
N SER A 159 -9.54 -12.17 2.70
N SER A 159 -9.56 -12.21 2.71
CA SER A 159 -8.84 -13.49 2.59
CA SER A 159 -8.83 -13.51 2.64
C SER A 159 -7.40 -13.39 3.11
C SER A 159 -7.43 -13.33 3.25
N VAL A 160 -6.76 -12.23 2.93
CA VAL A 160 -5.41 -12.00 3.53
C VAL A 160 -5.52 -12.14 5.05
N LEU A 161 -6.50 -11.51 5.67
CA LEU A 161 -6.68 -11.59 7.14
C LEU A 161 -7.01 -13.03 7.53
N ASP A 162 -7.78 -13.77 6.75
CA ASP A 162 -8.06 -15.21 7.07
C ASP A 162 -6.73 -15.97 7.21
N HIS A 163 -5.82 -15.81 6.24
CA HIS A 163 -4.52 -16.52 6.24
C HIS A 163 -3.70 -16.13 7.46
N VAL A 164 -3.65 -14.84 7.81
CA VAL A 164 -2.90 -14.38 9.01
C VAL A 164 -3.56 -14.99 10.24
N TYR A 165 -4.88 -14.96 10.31
CA TYR A 165 -5.61 -15.47 11.49
C TYR A 165 -5.22 -16.94 11.76
N LYS A 166 -5.13 -17.73 10.70
CA LYS A 166 -4.90 -19.20 10.80
C LYS A 166 -3.47 -19.45 11.33
N THR A 167 -2.57 -18.47 11.29
CA THR A 167 -1.23 -18.59 11.92
C THR A 167 -1.23 -18.14 13.39
N GLY A 168 -2.35 -17.67 13.92
CA GLY A 168 -2.45 -17.16 15.30
C GLY A 168 -2.52 -15.65 15.41
N GLY A 169 -2.44 -14.91 14.30
CA GLY A 169 -2.50 -13.45 14.40
C GLY A 169 -3.90 -12.97 14.79
N ARG A 170 -3.96 -11.89 15.57
CA ARG A 170 -5.27 -11.39 16.06
C ARG A 170 -5.42 -9.88 15.97
N ARG A 171 -4.34 -9.10 15.73
CA ARG A 171 -4.42 -7.62 15.73
C ARG A 171 -4.18 -7.14 14.30
N PHE A 172 -5.26 -6.71 13.62
CA PHE A 172 -5.24 -6.44 12.16
C PHE A 172 -5.54 -4.97 11.91
N VAL A 173 -4.83 -4.38 10.94
CA VAL A 173 -5.12 -2.99 10.46
C VAL A 173 -5.21 -3.07 8.94
N ILE A 174 -6.37 -2.68 8.40
CA ILE A 174 -6.55 -2.47 6.95
C ILE A 174 -6.37 -0.96 6.66
N LEU A 175 -5.39 -0.59 5.86
CA LEU A 175 -5.26 0.79 5.34
C LEU A 175 -6.07 0.82 4.03
N ASN A 176 -6.98 1.78 3.91
CA ASN A 176 -7.87 1.83 2.74
C ASN A 176 -7.14 2.52 1.57
N THR A 177 -7.84 2.70 0.45
CA THR A 177 -7.20 3.24 -0.77
C THR A 177 -7.15 4.76 -0.70
N VAL A 178 -6.06 5.28 -1.21
CA VAL A 178 -5.85 6.74 -1.25
C VAL A 178 -6.74 7.33 -2.34
N PRO A 179 -6.83 8.67 -2.40
CA PRO A 179 -7.62 9.36 -3.42
C PRO A 179 -6.78 9.36 -4.70
N LEU A 180 -6.85 8.26 -5.45
CA LEU A 180 -5.94 8.01 -6.59
C LEU A 180 -6.14 9.08 -7.67
N GLU A 181 -7.32 9.69 -7.79
CA GLU A 181 -7.56 10.75 -8.77
C GLU A 181 -6.74 12.00 -8.45
N LEU A 182 -6.20 12.15 -7.25
CA LEU A 182 -5.33 13.28 -6.84
C LEU A 182 -3.85 12.92 -7.01
N ALA A 183 -3.49 11.65 -7.23
CA ALA A 183 -2.12 11.29 -7.63
C ALA A 183 -1.84 11.95 -8.99
N PRO A 184 -0.68 12.63 -9.17
CA PRO A 184 -0.42 13.25 -10.47
C PRO A 184 -0.54 12.28 -11.64
N LEU A 185 -0.29 10.98 -11.47
CA LEU A 185 -0.47 10.01 -12.58
C LEU A 185 -1.90 10.11 -13.14
N TYR A 186 -2.91 10.25 -12.29
CA TYR A 186 -4.33 10.21 -12.72
C TYR A 186 -4.95 11.59 -12.84
N ALA A 187 -4.37 12.63 -12.23
CA ALA A 187 -4.90 13.99 -12.36
C ALA A 187 -4.71 14.56 -13.75
N LEU A 188 -5.55 15.54 -14.09
CA LEU A 188 -5.37 16.26 -15.38
C LEU A 188 -4.11 17.10 -15.33
N PRO A 189 -3.38 17.25 -16.46
CA PRO A 189 -2.22 18.15 -16.50
C PRO A 189 -2.55 19.59 -16.03
N GLU A 190 -3.77 20.08 -16.28
CA GLU A 190 -4.14 21.46 -15.84
C GLU A 190 -4.06 21.55 -14.33
N ASN A 191 -4.19 20.42 -13.61
CA ASN A 191 -4.16 20.34 -12.14
C ASN A 191 -2.83 19.75 -11.67
N GLY A 192 -1.77 19.77 -12.48
CA GLY A 192 -0.41 19.30 -12.08
C GLY A 192 -0.17 17.84 -12.46
N GLY A 193 -1.12 17.21 -13.14
CA GLY A 193 -0.99 15.80 -13.53
C GLY A 193 0.06 15.59 -14.61
N THR A 194 0.55 14.36 -14.75
CA THR A 194 1.50 14.00 -15.81
C THR A 194 0.83 14.12 -17.18
N LEU A 195 1.68 14.31 -18.19
CA LEU A 195 1.34 13.91 -19.56
C LEU A 195 1.63 12.40 -19.65
N ASP A 196 2.16 11.88 -20.74
CA ASP A 196 2.49 10.44 -20.80
C ASP A 196 3.50 10.18 -19.69
N SER A 197 3.30 9.11 -18.93
CA SER A 197 4.06 8.77 -17.71
C SER A 197 4.79 7.44 -17.90
N GLN A 198 5.90 7.28 -17.18
CA GLN A 198 6.57 5.98 -17.00
C GLN A 198 5.59 4.90 -16.50
N TYR A 199 4.48 5.26 -15.86
CA TYR A 199 3.48 4.30 -15.31
C TYR A 199 2.27 4.17 -16.23
N TRP A 200 2.15 5.03 -17.24
CA TRP A 200 1.01 5.06 -18.17
C TRP A 200 1.47 5.84 -19.40
N ASN A 201 2.20 5.15 -20.30
CA ASN A 201 2.99 5.86 -21.33
C ASN A 201 2.11 6.29 -22.52
N THR A 202 0.81 5.98 -22.50
CA THR A 202 -0.22 6.40 -23.49
C THR A 202 -1.33 7.22 -22.81
N LYS A 203 -1.11 7.76 -21.62
CA LYS A 203 -2.16 8.50 -20.87
C LYS A 203 -2.89 9.51 -21.77
N THR A 204 -2.14 10.36 -22.49
CA THR A 204 -2.72 11.52 -23.20
C THR A 204 -3.55 11.07 -24.40
N LYS A 205 -3.52 9.80 -24.77
CA LYS A 205 -4.36 9.24 -25.86
C LYS A 205 -5.74 8.88 -25.35
N TYR A 206 -5.92 8.83 -24.04
CA TYR A 206 -7.22 8.46 -23.43
C TYR A 206 -7.96 9.70 -22.95
N ASN A 207 -9.23 9.51 -22.65
CA ASN A 207 -10.04 10.53 -21.96
C ASN A 207 -9.62 10.57 -20.50
N MET A 208 -8.62 11.39 -20.20
CA MET A 208 -8.01 11.47 -18.85
C MET A 208 -9.07 11.87 -17.82
N THR A 209 -10.02 12.73 -18.20
CA THR A 209 -11.09 13.15 -17.26
C THR A 209 -11.90 11.91 -16.83
N GLU A 210 -12.27 11.10 -17.81
N GLU A 210 -12.33 11.12 -17.81
CA GLU A 210 -13.15 9.92 -17.58
CA GLU A 210 -13.16 9.92 -17.51
C GLU A 210 -12.38 8.88 -16.76
C GLU A 210 -12.34 8.96 -16.66
N TYR A 211 -11.10 8.67 -17.06
CA TYR A 211 -10.30 7.64 -16.32
C TYR A 211 -10.08 8.12 -14.90
N GLY A 212 -9.85 9.40 -14.71
CA GLY A 212 -9.64 9.95 -13.36
C GLY A 212 -10.88 9.83 -12.52
N GLN A 213 -12.03 10.17 -13.08
CA GLN A 213 -13.29 10.01 -12.34
C GLN A 213 -13.55 8.54 -12.04
N LYS A 214 -13.21 7.67 -12.99
CA LYS A 214 -13.45 6.22 -12.80
C LYS A 214 -12.64 5.76 -11.58
N ILE A 215 -11.37 6.16 -11.49
CA ILE A 215 -10.53 5.65 -10.37
C ILE A 215 -10.99 6.26 -9.05
N ARG A 216 -11.55 7.46 -9.06
CA ARG A 216 -12.22 8.00 -7.85
C ARG A 216 -13.41 7.13 -7.49
N GLU A 217 -14.25 6.74 -8.47
CA GLU A 217 -15.40 5.85 -8.19
C GLU A 217 -14.91 4.53 -7.61
N TYR A 218 -13.86 3.95 -8.18
CA TYR A 218 -13.40 2.62 -7.75
C TYR A 218 -12.82 2.70 -6.33
N SER A 219 -11.97 3.69 -6.07
CA SER A 219 -11.28 3.83 -4.76
C SER A 219 -12.31 4.14 -3.67
N THR A 220 -13.20 5.11 -3.91
CA THR A 220 -14.19 5.44 -2.86
C THR A 220 -15.11 4.23 -2.62
N SER A 221 -15.47 3.48 -3.66
CA SER A 221 -16.37 2.31 -3.52
C SER A 221 -15.66 1.22 -2.73
N VAL A 222 -14.41 0.91 -3.09
CA VAL A 222 -13.62 -0.07 -2.31
C VAL A 222 -13.56 0.37 -0.85
N ASN A 223 -13.36 1.65 -0.60
CA ASN A 223 -13.27 2.13 0.80
C ASN A 223 -14.58 1.90 1.56
N THR A 224 -15.72 2.16 0.94
CA THR A 224 -17.01 1.88 1.60
C THR A 224 -17.11 0.38 1.87
N MET A 225 -16.77 -0.45 0.89
CA MET A 225 -16.90 -1.91 1.00
C MET A 225 -15.93 -2.41 2.08
N LEU A 226 -14.71 -1.87 2.17
CA LEU A 226 -13.75 -2.36 3.19
C LEU A 226 -14.29 -2.01 4.60
N GLU A 227 -14.83 -0.82 4.81
CA GLU A 227 -15.30 -0.42 6.16
C GLU A 227 -16.51 -1.25 6.53
N ASN A 228 -17.53 -1.31 5.68
CA ASN A 228 -18.76 -2.05 6.05
C ASN A 228 -18.48 -3.55 6.05
N GLY A 229 -17.64 -4.07 5.14
CA GLY A 229 -17.29 -5.50 5.11
C GLY A 229 -16.53 -5.88 6.35
N ALA A 230 -15.58 -5.07 6.82
CA ALA A 230 -14.80 -5.35 8.04
C ALA A 230 -15.74 -5.43 9.24
N LEU A 231 -16.72 -4.53 9.33
CA LEU A 231 -17.69 -4.51 10.46
C LEU A 231 -18.56 -5.77 10.40
N VAL A 232 -19.13 -6.11 9.24
CA VAL A 232 -19.97 -7.32 9.07
C VAL A 232 -19.15 -8.56 9.47
N MET A 233 -17.97 -8.73 8.89
CA MET A 233 -17.18 -9.96 9.08
C MET A 233 -16.74 -10.05 10.53
N ALA A 234 -16.22 -8.98 11.12
CA ALA A 234 -15.62 -8.99 12.48
C ALA A 234 -16.71 -9.11 13.53
N SER A 235 -17.74 -8.26 13.46
CA SER A 235 -18.71 -8.04 14.56
C SER A 235 -19.93 -8.94 14.42
N LEU A 236 -20.43 -9.22 13.20
CA LEU A 236 -21.66 -10.01 12.98
C LEU A 236 -21.37 -11.47 12.66
N LYS A 237 -20.48 -11.76 11.69
CA LYS A 237 -20.27 -13.14 11.21
C LYS A 237 -19.20 -13.83 12.05
N LYS A 238 -18.52 -13.08 12.93
CA LYS A 238 -17.44 -13.58 13.82
C LYS A 238 -16.45 -14.39 12.98
N ARG A 239 -15.99 -13.82 11.85
CA ARG A 239 -15.06 -14.50 10.92
C ARG A 239 -13.69 -14.71 11.58
N TRP A 240 -13.33 -13.85 12.50
CA TRP A 240 -12.00 -13.84 13.15
C TRP A 240 -12.19 -13.78 14.65
N PRO A 241 -12.62 -14.90 15.29
CA PRO A 241 -12.90 -14.87 16.72
C PRO A 241 -11.74 -14.36 17.57
N LYS A 242 -12.02 -13.41 18.45
CA LYS A 242 -11.07 -12.80 19.42
C LYS A 242 -10.02 -11.94 18.70
N ALA A 243 -10.26 -11.58 17.43
CA ALA A 243 -9.39 -10.62 16.70
C ALA A 243 -9.95 -9.22 16.88
N MET A 244 -9.06 -8.25 16.68
CA MET A 244 -9.36 -6.81 16.61
C MET A 244 -9.04 -6.35 15.19
N VAL A 245 -9.98 -5.68 14.53
CA VAL A 245 -9.74 -5.19 13.15
C VAL A 245 -9.95 -3.69 13.14
N ASP A 246 -8.90 -2.96 12.86
CA ASP A 246 -8.94 -1.51 12.64
C ASP A 246 -8.99 -1.24 11.14
N VAL A 247 -9.82 -0.29 10.72
CA VAL A 247 -9.74 0.26 9.34
C VAL A 247 -9.15 1.67 9.47
N PHE A 248 -7.98 1.90 8.87
CA PHE A 248 -7.29 3.19 8.87
C PHE A 248 -7.73 3.91 7.59
N ASP A 249 -8.52 4.96 7.76
CA ASP A 249 -9.03 5.79 6.64
C ASP A 249 -7.93 6.75 6.17
N VAL A 250 -6.94 6.20 5.48
N VAL A 250 -6.92 6.20 5.49
CA VAL A 250 -5.83 6.99 4.90
CA VAL A 250 -5.82 7.01 4.89
C VAL A 250 -6.35 7.80 3.71
C VAL A 250 -6.39 7.85 3.75
N HIS A 251 -7.52 7.46 3.14
CA HIS A 251 -8.13 8.30 2.08
C HIS A 251 -8.41 9.70 2.65
N SER A 252 -9.06 9.76 3.80
CA SER A 252 -9.37 11.04 4.48
C SER A 252 -8.11 11.77 4.89
N LEU A 253 -7.09 11.07 5.41
CA LEU A 253 -5.82 11.73 5.78
C LEU A 253 -5.21 12.36 4.54
N PHE A 254 -5.17 11.66 3.41
CA PHE A 254 -4.58 12.22 2.18
C PHE A 254 -5.40 13.45 1.76
N ASN A 255 -6.73 13.38 1.81
CA ASN A 255 -7.56 14.56 1.46
C ASN A 255 -7.20 15.73 2.40
N ASP A 256 -6.93 15.44 3.66
CA ASP A 256 -6.64 16.49 4.66
C ASP A 256 -5.29 17.14 4.35
N ILE A 257 -4.27 16.36 3.97
CA ILE A 257 -2.96 16.90 3.57
C ILE A 257 -3.14 17.77 2.34
N TYR A 258 -3.82 17.24 1.33
CA TYR A 258 -4.05 17.93 0.04
C TYR A 258 -4.70 19.29 0.28
N ASN A 259 -5.67 19.34 1.20
CA ASN A 259 -6.53 20.54 1.41
C ASN A 259 -5.85 21.57 2.31
N ALA A 260 -4.85 21.18 3.09
CA ALA A 260 -4.19 22.09 4.06
C ALA A 260 -2.69 21.81 4.11
N PRO A 261 -1.95 21.96 3.01
CA PRO A 261 -0.55 21.55 2.97
C PRO A 261 0.37 22.36 3.88
N THR A 262 0.02 23.61 4.20
CA THR A 262 0.85 24.42 5.12
C THR A 262 0.83 23.81 6.53
N LYS A 263 -0.17 23.01 6.87
CA LYS A 263 -0.26 22.31 8.17
C LYS A 263 0.60 21.05 8.18
N TYR A 264 0.95 20.48 7.03
CA TYR A 264 1.56 19.11 7.00
C TYR A 264 2.96 19.07 6.38
N LEU A 265 3.26 19.94 5.41
CA LEU A 265 4.49 19.90 4.59
C LEU A 265 5.32 21.15 4.90
N ASP A 266 6.61 21.04 4.65
CA ASP A 266 7.52 22.20 4.56
C ASP A 266 7.21 22.99 3.28
N ALA A 267 7.82 24.15 3.10
CA ALA A 267 7.79 24.86 1.81
C ALA A 267 8.39 23.95 0.73
N PRO A 268 7.90 23.97 -0.52
CA PRO A 268 6.82 24.86 -0.97
C PRO A 268 5.37 24.38 -0.84
N HIS A 269 5.11 23.40 0.04
CA HIS A 269 3.73 22.98 0.40
C HIS A 269 3.03 22.50 -0.88
N ASN A 270 3.73 21.67 -1.65
CA ASN A 270 3.24 21.22 -2.99
C ASN A 270 2.47 19.90 -2.85
N VAL A 271 1.21 19.90 -3.30
CA VAL A 271 0.36 18.66 -3.23
C VAL A 271 -0.02 18.21 -4.63
N ASN A 272 0.05 19.04 -5.65
CA ASN A 272 -0.49 18.63 -6.98
C ASN A 272 0.61 18.32 -7.98
N SER A 273 1.88 18.50 -7.65
CA SER A 273 2.99 18.06 -8.50
C SER A 273 3.77 16.95 -7.79
N TYR A 274 5.01 16.74 -8.19
CA TYR A 274 5.80 15.61 -7.68
C TYR A 274 7.27 15.97 -7.80
N TYR A 275 8.05 15.45 -6.88
CA TYR A 275 9.43 15.91 -6.65
C TYR A 275 10.36 15.39 -7.75
N HIS A 276 10.24 14.11 -8.10
CA HIS A 276 11.14 13.35 -9.00
C HIS A 276 10.45 13.16 -10.33
N GLN A 277 10.89 13.90 -11.34
CA GLN A 277 10.12 14.04 -12.61
C GLN A 277 10.86 13.36 -13.74
N CYS A 278 10.35 12.21 -14.16
CA CYS A 278 10.97 11.38 -15.21
C CYS A 278 10.15 11.41 -16.48
N GLY A 279 10.83 11.30 -17.62
CA GLY A 279 10.17 11.08 -18.91
C GLY A 279 9.45 9.73 -18.94
N PRO A 280 8.57 9.53 -19.94
CA PRO A 280 7.78 8.31 -20.02
C PRO A 280 8.57 7.02 -20.23
N ALA A 281 9.84 7.12 -20.62
CA ALA A 281 10.77 5.97 -20.69
C ALA A 281 11.26 5.58 -19.28
N GLY A 282 11.07 6.45 -18.28
CA GLY A 282 11.58 6.21 -16.92
C GLY A 282 12.87 6.97 -16.70
N SER A 283 13.38 7.57 -17.78
CA SER A 283 14.59 8.43 -17.78
C SER A 283 14.51 9.34 -19.00
N PRO A 284 15.17 10.52 -19.01
CA PRO A 284 15.92 11.01 -17.84
C PRO A 284 14.97 11.58 -16.79
N CYS A 285 15.51 11.91 -15.61
CA CYS A 285 14.74 12.45 -14.47
C CYS A 285 15.44 13.70 -13.94
N THR A 286 14.65 14.67 -13.51
CA THR A 286 15.11 15.87 -12.79
C THR A 286 14.34 15.97 -11.47
N ASP A 287 15.02 16.34 -10.39
CA ASP A 287 14.40 16.64 -9.09
C ASP A 287 14.06 18.13 -9.01
N GLN A 288 12.91 18.44 -8.44
CA GLN A 288 12.45 19.82 -8.15
C GLN A 288 13.41 20.47 -7.18
N PRO A 289 13.42 21.82 -7.13
CA PRO A 289 14.18 22.54 -6.11
C PRO A 289 13.41 22.49 -4.77
N GLY A 290 14.19 22.51 -3.69
CA GLY A 290 13.67 22.58 -2.32
C GLY A 290 13.68 21.21 -1.70
N SER A 291 13.18 21.15 -0.49
CA SER A 291 13.20 19.93 0.35
C SER A 291 12.14 18.96 -0.20
N LEU A 292 12.49 17.67 -0.27
CA LEU A 292 11.45 16.62 -0.48
C LEU A 292 10.36 16.69 0.61
N ASN A 293 10.63 17.26 1.80
CA ASN A 293 9.62 17.46 2.86
C ASN A 293 8.57 18.52 2.48
N GLY A 294 8.78 19.22 1.36
CA GLY A 294 7.84 20.22 0.81
C GLY A 294 6.92 19.63 -0.26
N TYR A 295 6.95 18.30 -0.47
CA TYR A 295 6.17 17.65 -1.57
C TYR A 295 5.36 16.48 -1.00
N MET A 296 4.05 16.45 -1.29
CA MET A 296 3.20 15.30 -0.93
C MET A 296 3.67 14.05 -1.68
N TRP A 297 4.10 14.17 -2.91
CA TRP A 297 4.36 13.04 -3.84
C TRP A 297 5.84 13.00 -4.20
N TYR A 298 6.51 11.89 -3.99
CA TYR A 298 7.89 11.72 -4.48
C TYR A 298 7.89 11.62 -6.01
N ASP A 299 7.05 10.75 -6.58
CA ASP A 299 6.82 10.74 -8.04
C ASP A 299 5.31 10.73 -8.27
N GLU A 300 4.90 10.58 -9.53
CA GLU A 300 3.47 10.82 -9.87
C GLU A 300 2.56 9.77 -9.22
N LEU A 301 3.09 8.67 -8.67
CA LEU A 301 2.23 7.60 -8.10
C LEU A 301 2.53 7.38 -6.62
N HIS A 302 3.73 7.74 -6.14
CA HIS A 302 4.20 7.31 -4.79
C HIS A 302 4.28 8.47 -3.84
N PRO A 303 3.67 8.37 -2.65
CA PRO A 303 3.78 9.44 -1.67
C PRO A 303 5.22 9.62 -1.20
N SER A 304 5.54 10.87 -0.84
CA SER A 304 6.89 11.20 -0.34
C SER A 304 7.14 10.53 1.02
N ASN A 305 8.41 10.51 1.43
CA ASN A 305 8.78 10.07 2.79
C ASN A 305 8.14 10.99 3.83
N LYS A 306 7.96 12.29 3.53
CA LYS A 306 7.26 13.19 4.49
C LYS A 306 5.81 12.72 4.66
N THR A 307 5.08 12.51 3.57
CA THR A 307 3.69 12.00 3.63
C THR A 307 3.70 10.67 4.40
N SER A 308 4.67 9.83 4.09
CA SER A 308 4.81 8.49 4.71
C SER A 308 4.95 8.63 6.23
N SER A 309 5.70 9.64 6.71
CA SER A 309 5.91 9.85 8.17
C SER A 309 4.57 10.27 8.80
N ILE A 310 3.75 11.02 8.08
CA ILE A 310 2.40 11.43 8.56
C ILE A 310 1.48 10.20 8.63
N VAL A 311 1.49 9.35 7.60
CA VAL A 311 0.74 8.08 7.64
C VAL A 311 1.17 7.29 8.89
N ALA A 312 2.47 7.18 9.13
CA ALA A 312 3.01 6.38 10.26
C ALA A 312 2.52 6.92 11.61
N ARG A 313 2.55 8.24 11.81
CA ARG A 313 2.14 8.82 13.13
C ARG A 313 0.66 8.52 13.35
N ASN A 314 -0.17 8.70 12.32
CA ASN A 314 -1.62 8.42 12.43
C ASN A 314 -1.87 6.91 12.59
N PHE A 315 -1.08 6.07 11.92
CA PHE A 315 -1.18 4.59 12.07
C PHE A 315 -1.00 4.22 13.53
N LEU A 316 -0.02 4.78 14.20
CA LEU A 316 0.26 4.41 15.62
C LEU A 316 -0.90 4.88 16.51
N ASP A 317 -1.55 6.00 16.17
CA ASP A 317 -2.78 6.42 16.89
C ASP A 317 -3.91 5.41 16.65
N VAL A 318 -4.07 4.92 15.42
CA VAL A 318 -5.10 3.90 15.09
C VAL A 318 -4.86 2.65 15.95
N VAL A 319 -3.61 2.20 16.03
CA VAL A 319 -3.28 0.95 16.77
C VAL A 319 -3.55 1.19 18.25
N ALA A 320 -3.40 2.42 18.73
CA ALA A 320 -3.66 2.77 20.15
C ALA A 320 -5.16 2.92 20.39
N GLY A 321 -5.97 2.91 19.33
CA GLY A 321 -7.44 3.04 19.35
C GLY A 321 -7.87 4.45 19.67
N LYS A 322 -7.06 5.45 19.30
CA LYS A 322 -7.39 6.89 19.51
C LYS A 322 -7.01 7.69 18.27
N SER A 323 -7.70 7.45 17.16
CA SER A 323 -7.46 8.20 15.91
C SER A 323 -8.77 8.64 15.30
N LYS A 324 -8.84 9.88 14.84
CA LYS A 324 -9.99 10.36 14.02
C LYS A 324 -10.05 9.52 12.73
N TYR A 325 -8.96 8.86 12.35
CA TYR A 325 -8.93 8.08 11.08
C TYR A 325 -9.07 6.58 11.31
N GLY A 326 -9.27 6.14 12.54
CA GLY A 326 -9.39 4.71 12.85
C GLY A 326 -10.78 4.36 13.28
N THR A 327 -11.31 3.28 12.73
CA THR A 327 -12.54 2.63 13.24
C THR A 327 -12.18 1.21 13.66
N ARG A 328 -12.49 0.87 14.91
CA ARG A 328 -12.09 -0.41 15.56
C ARG A 328 -13.29 -1.36 15.62
N PHE A 329 -13.12 -2.58 15.15
CA PHE A 329 -14.18 -3.63 15.13
C PHE A 329 -13.70 -4.93 15.81
N HIS A 330 -14.55 -5.57 16.62
CA HIS A 330 -14.31 -6.92 17.18
C HIS A 330 -15.64 -7.63 17.46
#